data_4MJ5
#
_entry.id   4MJ5
#
_cell.length_a   60.382
_cell.length_b   66.374
_cell.length_c   114.589
_cell.angle_alpha   90.00
_cell.angle_beta   90.00
_cell.angle_gamma   90.00
#
_symmetry.space_group_name_H-M   'P 21 21 21'
#
loop_
_entity.id
_entity.type
_entity.pdbx_description
1 polymer 'HLA class I histocompatibility antigen, A-11 alpha chain'
2 polymer Beta-2-microglobulin
3 polymer 'Nucleocapsid protein'
4 water water
#
loop_
_entity_poly.entity_id
_entity_poly.type
_entity_poly.pdbx_seq_one_letter_code
_entity_poly.pdbx_strand_id
1 'polypeptide(L)'
;GSHSMRYFYTSVSRPGRGEPRFIAVGYVDDTQFVRFDSDAASQRMEPRAPWIEQEGPEYWDQETRNVKAQSQTDRVDLGT
LRGYYNQSEDGSHTIQIMYGCDVGPDGRFLRGYRQDAYDGKDYIALNEDLRSWTAADMAAQITKRKWEAAHAAEQQRAYL
EGRCVEWLRRYLENGKETLQRTDPPKTHMTHHPISDHEATLRCWALGFYPAEITLTWQRDGEDQTQDTELVETRPAGDGT
FQKWAAVVVPSGEEQRYTCHVQHEGLPKPLTLRW
;
A
2 'polypeptide(L)'
;MIQRTPKIQVYSRHPAENGKSNFLNCYVSGFHPSDIEVDLLKNGERIEKVEHSDLSFSKDWSFYLLYYTEFTPTEKDEYA
CRVNHVTLSQPKIVKWDRDM
;
B
3 'polypeptide(L)' TIAMELIRMIK C
#
# COMPACT_ATOMS: atom_id res chain seq x y z
N GLY A 1 -2.34 -16.24 14.05
CA GLY A 1 -1.91 -16.57 12.70
C GLY A 1 -0.51 -16.09 12.41
N SER A 2 -0.15 -16.05 11.13
CA SER A 2 1.18 -15.64 10.71
C SER A 2 1.37 -14.12 10.74
N HIS A 3 2.62 -13.69 10.58
CA HIS A 3 2.97 -12.27 10.57
C HIS A 3 4.13 -12.00 9.61
N SER A 4 4.28 -10.73 9.22
CA SER A 4 5.33 -10.32 8.31
C SER A 4 5.86 -8.95 8.70
N MET A 5 7.14 -8.71 8.45
CA MET A 5 7.68 -7.37 8.56
C MET A 5 8.23 -7.00 7.21
N ARG A 6 7.96 -5.77 6.77
CA ARG A 6 8.28 -5.40 5.40
C ARG A 6 8.76 -3.96 5.28
N TYR A 7 9.85 -3.77 4.55
CA TYR A 7 10.34 -2.43 4.27
C TYR A 7 10.20 -2.09 2.79
N PHE A 8 9.82 -0.84 2.52
CA PHE A 8 9.64 -0.38 1.14
C PHE A 8 10.47 0.88 0.93
N TYR A 9 11.36 0.86 -0.07
CA TYR A 9 12.18 2.01 -0.40
C TYR A 9 11.79 2.55 -1.76
N THR A 10 11.73 3.87 -1.88
CA THR A 10 11.50 4.51 -3.17
C THR A 10 12.45 5.66 -3.37
N SER A 11 13.32 5.54 -4.38
CA SER A 11 14.18 6.66 -4.78
C SER A 11 13.79 7.15 -6.16
N VAL A 12 13.61 8.47 -6.29
CA VAL A 12 13.21 9.07 -7.55
C VAL A 12 14.17 10.20 -7.88
N SER A 13 14.91 10.07 -8.97
CA SER A 13 15.77 11.15 -9.43
C SER A 13 14.93 12.28 -10.00
N ARG A 14 15.42 13.51 -9.86
CA ARG A 14 14.76 14.68 -10.42
C ARG A 14 15.80 15.64 -10.97
N PRO A 15 16.24 15.40 -12.20
CA PRO A 15 17.30 16.20 -12.83
C PRO A 15 16.88 17.66 -12.91
N GLY A 16 17.75 18.56 -12.46
CA GLY A 16 17.43 19.98 -12.47
C GLY A 16 16.73 20.44 -11.21
N ARG A 17 15.89 19.58 -10.64
CA ARG A 17 15.16 19.93 -9.43
C ARG A 17 15.93 19.49 -8.19
N GLY A 18 17.26 19.42 -8.30
CA GLY A 18 18.09 19.07 -7.17
C GLY A 18 18.43 17.59 -7.07
N GLU A 19 18.62 17.11 -5.84
CA GLU A 19 19.04 15.74 -5.59
C GLU A 19 17.87 14.76 -5.44
N PRO A 20 18.12 13.46 -5.68
CA PRO A 20 17.03 12.46 -5.67
C PRO A 20 16.23 12.43 -4.38
N ARG A 21 14.94 12.11 -4.46
CA ARG A 21 14.10 12.03 -3.27
C ARG A 21 13.97 10.59 -2.80
N PHE A 22 14.10 10.39 -1.49
CA PHE A 22 14.08 9.04 -0.91
C PHE A 22 13.02 8.90 0.18
N ILE A 23 12.15 7.90 0.02
CA ILE A 23 11.15 7.57 1.02
C ILE A 23 11.32 6.12 1.46
N ALA A 24 11.26 5.90 2.77
CA ALA A 24 11.27 4.54 3.32
C ALA A 24 10.10 4.38 4.27
N VAL A 25 9.38 3.27 4.14
CA VAL A 25 8.33 2.95 5.09
C VAL A 25 8.53 1.52 5.55
N GLY A 26 8.17 1.26 6.81
CA GLY A 26 8.26 -0.08 7.35
C GLY A 26 6.89 -0.55 7.81
N TYR A 27 6.60 -1.83 7.55
CA TYR A 27 5.32 -2.39 7.97
C TYR A 27 5.52 -3.63 8.81
N VAL A 28 4.63 -3.81 9.80
CA VAL A 28 4.41 -5.11 10.41
C VAL A 28 2.98 -5.47 10.04
N ASP A 29 2.81 -6.56 9.29
CA ASP A 29 1.52 -6.89 8.71
C ASP A 29 0.96 -5.70 7.91
N ASP A 30 -0.27 -5.29 8.21
CA ASP A 30 -0.88 -4.16 7.49
C ASP A 30 -0.82 -2.85 8.29
N THR A 31 0.15 -2.76 9.20
CA THR A 31 0.31 -1.57 10.05
C THR A 31 1.68 -0.90 9.83
N GLN A 32 1.68 0.34 9.36
CA GLN A 32 2.94 1.08 9.18
C GLN A 32 3.49 1.50 10.54
N PHE A 33 4.80 1.42 10.73
CA PHE A 33 5.38 1.83 12.03
C PHE A 33 6.53 2.82 11.94
N VAL A 34 7.22 2.85 10.81
CA VAL A 34 8.31 3.82 10.63
C VAL A 34 8.23 4.53 9.28
N ARG A 35 8.94 5.64 9.16
CA ARG A 35 8.91 6.46 7.96
C ARG A 35 10.19 7.29 7.88
N PHE A 36 10.76 7.40 6.68
CA PHE A 36 11.81 8.40 6.43
C PHE A 36 11.57 9.11 5.11
N ASP A 37 11.73 10.44 5.12
CA ASP A 37 11.52 11.28 3.95
C ASP A 37 12.69 12.26 3.82
N SER A 38 13.51 12.07 2.80
CA SER A 38 14.75 12.85 2.65
C SER A 38 14.49 14.35 2.49
N ASP A 39 13.27 14.72 2.13
CA ASP A 39 12.92 16.13 1.96
C ASP A 39 12.36 16.75 3.24
N ALA A 40 11.89 15.89 4.14
CA ALA A 40 11.32 16.38 5.41
C ALA A 40 12.39 17.08 6.25
N ALA A 41 11.95 17.87 7.23
CA ALA A 41 12.87 18.72 7.98
C ALA A 41 13.66 17.99 9.07
N SER A 42 13.07 16.94 9.65
CA SER A 42 13.66 16.27 10.80
C SER A 42 14.93 15.48 10.47
N GLN A 43 14.99 14.91 9.27
CA GLN A 43 16.12 14.05 8.87
C GLN A 43 16.30 12.89 9.84
N ARG A 44 15.19 12.37 10.34
CA ARG A 44 15.21 11.26 11.28
C ARG A 44 14.24 10.18 10.82
N MET A 45 14.58 8.92 11.09
CA MET A 45 13.57 7.87 10.99
C MET A 45 12.49 8.24 12.01
N GLU A 46 11.22 8.23 11.60
CA GLU A 46 10.14 8.67 12.47
C GLU A 46 9.14 7.56 12.76
N PRO A 47 8.60 7.54 13.99
CA PRO A 47 7.57 6.57 14.43
C PRO A 47 6.24 6.83 13.73
N ARG A 48 5.46 5.78 13.48
CA ARG A 48 4.14 5.92 12.87
C ARG A 48 3.11 5.02 13.55
N ALA A 49 3.56 4.30 14.56
CA ALA A 49 2.69 3.48 15.39
C ALA A 49 3.17 3.62 16.83
N PRO A 50 2.23 3.63 17.79
CA PRO A 50 2.54 3.92 19.20
C PRO A 50 3.57 2.98 19.81
N TRP A 51 3.50 1.70 19.48
CA TRP A 51 4.38 0.70 20.09
C TRP A 51 5.86 0.81 19.69
N ILE A 52 6.17 1.54 18.64
CA ILE A 52 7.57 1.69 18.24
C ILE A 52 8.21 2.83 19.01
N GLU A 53 7.39 3.70 19.59
CA GLU A 53 7.90 4.86 20.30
C GLU A 53 8.59 4.46 21.60
N GLN A 54 8.39 3.21 22.02
CA GLN A 54 9.01 2.74 23.26
C GLN A 54 10.45 2.28 23.06
N GLU A 55 10.91 2.32 21.80
CA GLU A 55 12.33 2.09 21.51
C GLU A 55 13.15 3.32 21.89
N GLY A 56 14.30 3.09 22.52
CA GLY A 56 15.12 4.18 23.00
C GLY A 56 15.81 5.00 21.92
N PRO A 57 16.49 6.08 22.33
CA PRO A 57 17.22 6.99 21.45
C PRO A 57 18.30 6.29 20.62
N GLU A 58 18.89 5.24 21.15
CA GLU A 58 19.93 4.54 20.41
C GLU A 58 19.36 3.79 19.21
N TYR A 59 18.17 3.21 19.39
CA TYR A 59 17.45 2.57 18.29
C TYR A 59 17.26 3.58 17.15
N TRP A 60 16.76 4.76 17.50
CA TRP A 60 16.44 5.77 16.50
C TRP A 60 17.68 6.34 15.82
N ASP A 61 18.78 6.44 16.57
CA ASP A 61 20.02 6.92 15.99
C ASP A 61 20.57 5.97 14.94
N GLN A 62 20.48 4.67 15.20
CA GLN A 62 20.96 3.64 14.28
C GLN A 62 20.08 3.51 13.04
N GLU A 63 18.76 3.53 13.26
CA GLU A 63 17.81 3.47 12.16
C GLU A 63 17.96 4.67 11.23
N THR A 64 18.09 5.84 11.83
CA THR A 64 18.29 7.06 11.07
C THR A 64 19.58 6.96 10.26
N ARG A 65 20.64 6.50 10.93
CA ARG A 65 21.96 6.42 10.31
C ARG A 65 21.96 5.46 9.12
N ASN A 66 21.31 4.30 9.26
CA ASN A 66 21.28 3.32 8.19
C ASN A 66 20.36 3.69 7.02
N VAL A 67 19.24 4.34 7.32
CA VAL A 67 18.30 4.73 6.26
C VAL A 67 18.92 5.82 5.38
N LYS A 68 19.70 6.69 6.00
CA LYS A 68 20.41 7.74 5.27
C LYS A 68 21.45 7.11 4.38
N ALA A 69 22.15 6.11 4.90
CA ALA A 69 23.17 5.42 4.13
C ALA A 69 22.54 4.73 2.92
N GLN A 70 21.40 4.08 3.12
CA GLN A 70 20.69 3.43 2.04
C GLN A 70 20.33 4.43 0.93
N SER A 71 20.00 5.66 1.34
CA SER A 71 19.55 6.66 0.39
C SER A 71 20.71 7.11 -0.51
N GLN A 72 21.91 7.15 0.07
CA GLN A 72 23.11 7.43 -0.71
C GLN A 72 23.42 6.30 -1.68
N THR A 73 23.27 5.06 -1.21
CA THR A 73 23.44 3.89 -2.05
C THR A 73 22.52 3.91 -3.27
N ASP A 74 21.24 4.18 -3.04
CA ASP A 74 20.28 4.32 -4.13
C ASP A 74 20.68 5.46 -5.06
N ARG A 75 21.27 6.51 -4.48
CA ARG A 75 21.66 7.69 -5.24
C ARG A 75 22.69 7.33 -6.32
N VAL A 76 23.73 6.60 -5.95
CA VAL A 76 24.74 6.22 -6.94
C VAL A 76 24.23 5.11 -7.87
N ASP A 77 23.41 4.21 -7.34
CA ASP A 77 22.79 3.16 -8.14
C ASP A 77 21.93 3.77 -9.25
N LEU A 78 21.29 4.90 -8.94
CA LEU A 78 20.48 5.63 -9.89
C LEU A 78 21.35 6.04 -11.09
N GLY A 79 22.52 6.60 -10.81
CA GLY A 79 23.46 7.00 -11.84
C GLY A 79 24.02 5.82 -12.59
N THR A 80 24.36 4.76 -11.86
CA THR A 80 24.90 3.55 -12.44
C THR A 80 23.90 2.87 -13.39
N LEU A 81 22.65 2.77 -12.96
CA LEU A 81 21.62 2.16 -13.80
C LEU A 81 21.28 3.01 -15.04
N ARG A 82 21.50 4.31 -14.95
CA ARG A 82 21.30 5.19 -16.08
C ARG A 82 22.31 4.85 -17.17
N GLY A 83 23.52 4.48 -16.75
CA GLY A 83 24.57 4.07 -17.67
C GLY A 83 24.28 2.74 -18.34
N TYR A 84 23.81 1.77 -17.55
CA TYR A 84 23.50 0.43 -18.06
C TYR A 84 22.46 0.49 -19.19
N TYR A 85 21.45 1.33 -19.01
CA TYR A 85 20.37 1.44 -19.98
C TYR A 85 20.65 2.52 -21.01
N ASN A 86 21.82 3.14 -20.89
CA ASN A 86 22.23 4.21 -21.79
C ASN A 86 21.21 5.35 -21.82
N GLN A 87 20.71 5.70 -20.64
CA GLN A 87 19.71 6.75 -20.53
C GLN A 87 20.38 8.13 -20.45
N SER A 88 19.69 9.13 -20.97
CA SER A 88 20.19 10.51 -20.93
C SER A 88 20.18 11.06 -19.51
N GLU A 89 20.85 12.20 -19.31
CA GLU A 89 21.03 12.79 -18.00
C GLU A 89 19.77 13.50 -17.47
N ASP A 90 18.82 13.76 -18.36
CA ASP A 90 17.74 14.70 -18.02
C ASP A 90 16.38 14.09 -17.64
N GLY A 91 16.21 12.79 -17.83
CA GLY A 91 14.95 12.15 -17.47
C GLY A 91 14.88 11.72 -16.02
N SER A 92 13.65 11.60 -15.51
CA SER A 92 13.45 11.16 -14.13
C SER A 92 13.31 9.64 -14.05
N HIS A 93 14.03 9.02 -13.12
CA HIS A 93 13.98 7.57 -12.97
C HIS A 93 13.73 7.10 -11.54
N THR A 94 13.31 5.84 -11.39
CA THR A 94 12.86 5.32 -10.10
C THR A 94 13.49 3.98 -9.72
N ILE A 95 14.05 3.92 -8.52
CA ILE A 95 14.47 2.63 -7.95
C ILE A 95 13.54 2.29 -6.79
N GLN A 96 13.00 1.07 -6.81
CA GLN A 96 12.16 0.60 -5.71
C GLN A 96 12.72 -0.69 -5.09
N ILE A 97 12.67 -0.77 -3.77
CA ILE A 97 13.17 -1.95 -3.07
C ILE A 97 12.17 -2.42 -2.03
N MET A 98 11.89 -3.72 -2.03
CA MET A 98 11.05 -4.34 -1.02
C MET A 98 11.82 -5.51 -0.43
N TYR A 99 11.78 -5.64 0.90
CA TYR A 99 12.33 -6.82 1.58
C TYR A 99 11.63 -7.04 2.91
N GLY A 100 11.69 -8.27 3.42
CA GLY A 100 11.07 -8.61 4.68
C GLY A 100 10.99 -10.11 4.91
N CYS A 101 10.38 -10.50 6.03
CA CYS A 101 10.32 -11.91 6.40
C CYS A 101 8.94 -12.28 6.89
N ASP A 102 8.56 -13.55 6.71
CA ASP A 102 7.31 -14.05 7.28
C ASP A 102 7.60 -14.98 8.46
N VAL A 103 6.77 -14.91 9.50
CA VAL A 103 6.86 -15.87 10.60
C VAL A 103 5.53 -16.58 10.82
N GLY A 104 5.58 -17.80 11.33
CA GLY A 104 4.37 -18.52 11.65
C GLY A 104 3.82 -18.13 13.02
N PRO A 105 2.65 -18.67 13.38
CA PRO A 105 1.98 -18.44 14.66
C PRO A 105 2.92 -18.66 15.85
N ASP A 106 3.81 -19.64 15.75
CA ASP A 106 4.75 -19.93 16.83
C ASP A 106 5.90 -18.92 16.89
N GLY A 107 6.09 -18.18 15.81
CA GLY A 107 7.14 -17.18 15.75
C GLY A 107 8.33 -17.64 14.92
N ARG A 108 8.19 -18.80 14.30
CA ARG A 108 9.25 -19.40 13.49
C ARG A 108 9.40 -18.75 12.13
N PHE A 109 10.63 -18.72 11.60
CA PHE A 109 10.89 -18.28 10.24
C PHE A 109 10.07 -19.11 9.25
N LEU A 110 9.46 -18.44 8.27
CA LEU A 110 8.77 -19.12 7.19
C LEU A 110 9.46 -18.83 5.86
N ARG A 111 9.65 -17.56 5.54
CA ARG A 111 10.31 -17.17 4.29
C ARG A 111 10.84 -15.74 4.29
N GLY A 112 11.78 -15.46 3.38
CA GLY A 112 12.35 -14.13 3.25
C GLY A 112 12.12 -13.56 1.86
N TYR A 113 12.38 -12.27 1.70
CA TYR A 113 12.13 -11.57 0.45
C TYR A 113 13.16 -10.48 0.21
N ARG A 114 13.49 -10.25 -1.06
CA ARG A 114 14.30 -9.10 -1.49
C ARG A 114 14.12 -8.90 -3.00
N GLN A 115 13.48 -7.80 -3.37
CA GLN A 115 13.19 -7.52 -4.78
C GLN A 115 13.44 -6.05 -5.10
N ASP A 116 14.09 -5.81 -6.24
CA ASP A 116 14.34 -4.45 -6.69
C ASP A 116 13.65 -4.20 -8.03
N ALA A 117 13.42 -2.93 -8.34
CA ALA A 117 12.79 -2.56 -9.61
C ALA A 117 13.39 -1.27 -10.14
N TYR A 118 13.32 -1.09 -11.45
CA TYR A 118 13.76 0.15 -12.08
C TYR A 118 12.67 0.64 -13.03
N ASP A 119 12.21 1.85 -12.79
CA ASP A 119 11.14 2.46 -13.59
C ASP A 119 9.86 1.63 -13.67
N GLY A 120 9.50 0.99 -12.57
CA GLY A 120 8.23 0.28 -12.49
C GLY A 120 8.26 -1.18 -12.91
N LYS A 121 9.42 -1.70 -13.27
CA LYS A 121 9.51 -3.10 -13.68
C LYS A 121 10.62 -3.86 -12.96
N ASP A 122 10.48 -5.19 -12.91
CA ASP A 122 11.42 -6.07 -12.23
C ASP A 122 12.87 -5.87 -12.69
N TYR A 123 13.78 -5.70 -11.72
CA TYR A 123 15.21 -5.58 -12.01
C TYR A 123 15.97 -6.81 -11.52
N ILE A 124 15.91 -7.07 -10.22
CA ILE A 124 16.56 -8.25 -9.65
C ILE A 124 15.83 -8.72 -8.40
N ALA A 125 15.68 -10.04 -8.26
CA ALA A 125 14.95 -10.60 -7.12
C ALA A 125 15.65 -11.79 -6.52
N LEU A 126 15.70 -11.84 -5.20
CA LEU A 126 16.22 -13.00 -4.49
C LEU A 126 15.22 -14.14 -4.67
N ASN A 127 15.71 -15.33 -4.99
CA ASN A 127 14.80 -16.45 -5.23
C ASN A 127 14.31 -17.08 -3.93
N GLU A 128 13.26 -17.89 -4.03
CA GLU A 128 12.63 -18.56 -2.89
C GLU A 128 13.62 -19.19 -1.92
N ASP A 129 14.68 -19.76 -2.47
CA ASP A 129 15.70 -20.46 -1.69
C ASP A 129 16.67 -19.51 -1.00
N LEU A 130 16.51 -18.21 -1.22
CA LEU A 130 17.34 -17.16 -0.61
C LEU A 130 18.82 -17.39 -0.91
N ARG A 131 19.10 -18.00 -2.05
CA ARG A 131 20.43 -18.52 -2.34
C ARG A 131 20.89 -18.05 -3.72
N SER A 132 19.93 -17.61 -4.53
CA SER A 132 20.23 -17.20 -5.89
C SER A 132 19.38 -16.00 -6.32
N TRP A 133 19.77 -15.39 -7.45
CA TRP A 133 19.08 -14.22 -7.97
C TRP A 133 18.44 -14.48 -9.32
N THR A 134 17.28 -13.86 -9.56
CA THR A 134 16.69 -13.86 -10.88
C THR A 134 16.79 -12.44 -11.45
N ALA A 135 17.54 -12.29 -12.53
CA ALA A 135 17.71 -11.00 -13.20
C ALA A 135 16.81 -10.93 -14.41
N ALA A 136 15.93 -9.93 -14.43
CA ALA A 136 14.89 -9.84 -15.46
C ALA A 136 15.44 -9.40 -16.83
N ASP A 137 16.46 -8.54 -16.83
CA ASP A 137 17.05 -8.05 -18.08
C ASP A 137 18.55 -8.09 -18.11
N MET A 138 19.13 -7.53 -19.17
CA MET A 138 20.55 -7.64 -19.43
C MET A 138 21.41 -6.73 -18.56
N ALA A 139 20.86 -5.58 -18.18
CA ALA A 139 21.57 -4.65 -17.29
C ALA A 139 21.65 -5.20 -15.87
N ALA A 140 20.64 -5.97 -15.49
CA ALA A 140 20.58 -6.58 -14.18
C ALA A 140 21.51 -7.79 -14.08
N GLN A 141 21.86 -8.36 -15.23
CA GLN A 141 22.81 -9.46 -15.28
C GLN A 141 24.14 -9.00 -14.71
N ILE A 142 24.51 -7.77 -15.05
CA ILE A 142 25.73 -7.14 -14.56
C ILE A 142 25.70 -6.99 -13.04
N THR A 143 24.56 -6.54 -12.53
CA THR A 143 24.36 -6.42 -11.10
C THR A 143 24.34 -7.80 -10.44
N LYS A 144 23.67 -8.75 -11.09
CA LYS A 144 23.61 -10.14 -10.59
C LYS A 144 25.00 -10.73 -10.37
N ARG A 145 25.95 -10.37 -11.23
CA ARG A 145 27.32 -10.88 -11.11
C ARG A 145 28.12 -10.16 -10.01
N LYS A 146 27.88 -8.86 -9.86
CA LYS A 146 28.50 -8.09 -8.79
C LYS A 146 28.12 -8.66 -7.42
N TRP A 147 26.87 -9.11 -7.31
CA TRP A 147 26.34 -9.61 -6.04
C TRP A 147 26.75 -11.06 -5.76
N GLU A 148 26.96 -11.83 -6.82
CA GLU A 148 27.51 -13.18 -6.69
C GLU A 148 28.97 -13.08 -6.25
N ALA A 149 29.67 -12.07 -6.75
CA ALA A 149 31.07 -11.85 -6.41
C ALA A 149 31.22 -11.23 -5.03
N ALA A 150 30.09 -10.85 -4.43
CA ALA A 150 30.09 -10.24 -3.10
C ALA A 150 29.40 -11.16 -2.10
N HIS A 151 28.82 -12.25 -2.60
CA HIS A 151 28.08 -13.20 -1.76
C HIS A 151 26.99 -12.48 -0.97
N ALA A 152 26.27 -11.60 -1.65
CA ALA A 152 25.25 -10.76 -1.04
C ALA A 152 24.03 -11.59 -0.61
N ALA A 153 23.87 -12.75 -1.24
CA ALA A 153 22.74 -13.62 -0.95
C ALA A 153 22.83 -14.21 0.45
N GLU A 154 24.05 -14.58 0.86
CA GLU A 154 24.30 -15.03 2.23
C GLU A 154 23.96 -13.92 3.22
N GLN A 155 24.45 -12.72 2.92
CA GLN A 155 24.25 -11.55 3.75
C GLN A 155 22.78 -11.16 3.86
N GLN A 156 22.04 -11.29 2.76
CA GLN A 156 20.60 -11.08 2.78
C GLN A 156 19.94 -12.09 3.71
N ARG A 157 20.30 -13.35 3.54
CA ARG A 157 19.77 -14.46 4.34
C ARG A 157 20.11 -14.30 5.81
N ALA A 158 21.27 -13.69 6.08
CA ALA A 158 21.69 -13.42 7.44
C ALA A 158 20.71 -12.46 8.13
N TYR A 159 20.34 -11.39 7.44
CA TYR A 159 19.35 -10.46 7.99
C TYR A 159 17.98 -11.10 8.08
N LEU A 160 17.53 -11.68 6.96
CA LEU A 160 16.17 -12.21 6.86
C LEU A 160 15.85 -13.28 7.90
N GLU A 161 16.83 -14.11 8.21
CA GLU A 161 16.66 -15.18 9.19
C GLU A 161 17.14 -14.78 10.58
N GLY A 162 17.85 -13.65 10.66
CA GLY A 162 18.41 -13.20 11.92
C GLY A 162 17.68 -12.02 12.53
N ARG A 163 18.20 -10.81 12.32
CA ARG A 163 17.61 -9.60 12.88
C ARG A 163 16.16 -9.38 12.47
N CYS A 164 15.82 -9.72 11.24
CA CYS A 164 14.47 -9.49 10.73
C CYS A 164 13.42 -10.21 11.56
N VAL A 165 13.53 -11.52 11.67
CA VAL A 165 12.56 -12.31 12.43
C VAL A 165 12.53 -11.97 13.92
N GLU A 166 13.69 -11.66 14.50
CA GLU A 166 13.77 -11.47 15.94
C GLU A 166 13.31 -10.07 16.38
N TRP A 167 13.41 -9.11 15.48
CA TRP A 167 12.83 -7.80 15.74
C TRP A 167 11.34 -7.79 15.40
N LEU A 168 10.95 -8.65 14.47
CA LEU A 168 9.54 -8.88 14.19
C LEU A 168 8.88 -9.35 15.47
N ARG A 169 9.39 -10.46 16.03
CA ARG A 169 8.88 -11.03 17.27
C ARG A 169 8.85 -9.97 18.37
N ARG A 170 9.87 -9.13 18.42
CA ARG A 170 9.95 -8.08 19.43
C ARG A 170 8.79 -7.10 19.28
N TYR A 171 8.62 -6.61 18.06
CA TYR A 171 7.56 -5.67 17.72
C TYR A 171 6.18 -6.25 18.04
N LEU A 172 5.94 -7.47 17.58
CA LEU A 172 4.71 -8.20 17.87
C LEU A 172 4.44 -8.25 19.38
N GLU A 173 5.50 -8.43 20.15
CA GLU A 173 5.36 -8.48 21.61
C GLU A 173 5.09 -7.09 22.18
N ASN A 174 5.94 -6.12 21.82
CA ASN A 174 5.76 -4.75 22.29
C ASN A 174 4.44 -4.11 21.82
N GLY A 175 3.83 -4.72 20.80
CA GLY A 175 2.57 -4.22 20.27
C GLY A 175 1.48 -5.27 20.22
N LYS A 176 1.57 -6.26 21.11
CA LYS A 176 0.59 -7.35 21.19
C LYS A 176 -0.85 -6.83 21.28
N GLU A 177 -1.04 -5.78 22.07
CA GLU A 177 -2.35 -5.21 22.32
C GLU A 177 -3.06 -4.70 21.05
N THR A 178 -2.32 -4.60 19.95
CA THR A 178 -2.83 -3.98 18.74
C THR A 178 -2.53 -4.78 17.46
N LEU A 179 -1.34 -5.36 17.38
CA LEU A 179 -0.93 -6.05 16.16
C LEU A 179 -1.48 -7.48 16.06
N GLN A 180 -2.03 -7.98 17.17
CA GLN A 180 -2.51 -9.37 17.19
C GLN A 180 -4.02 -9.49 17.31
N ARG A 181 -4.72 -8.35 17.20
CA ARG A 181 -6.18 -8.38 17.15
C ARG A 181 -6.65 -8.51 15.71
N THR A 182 -7.83 -9.13 15.55
CA THR A 182 -8.52 -9.12 14.28
C THR A 182 -9.84 -8.39 14.47
N ASP A 183 -9.97 -7.22 13.86
CA ASP A 183 -11.27 -6.56 13.81
C ASP A 183 -12.07 -7.17 12.68
N PRO A 184 -13.19 -7.82 13.01
CA PRO A 184 -14.04 -8.42 11.98
C PRO A 184 -14.82 -7.33 11.25
N PRO A 185 -15.23 -7.59 10.01
CA PRO A 185 -15.95 -6.58 9.23
C PRO A 185 -17.38 -6.35 9.74
N LYS A 186 -17.77 -5.09 9.86
CA LYS A 186 -19.17 -4.77 10.11
C LYS A 186 -19.87 -4.71 8.75
N THR A 187 -20.83 -5.60 8.53
CA THR A 187 -21.45 -5.73 7.23
C THR A 187 -22.84 -5.11 7.15
N HIS A 188 -23.15 -4.55 5.98
CA HIS A 188 -24.51 -4.13 5.65
C HIS A 188 -24.70 -4.21 4.15
N MET A 189 -25.93 -4.07 3.69
CA MET A 189 -26.23 -4.13 2.27
C MET A 189 -27.02 -2.88 1.87
N THR A 190 -26.86 -2.44 0.63
CA THR A 190 -27.68 -1.35 0.09
C THR A 190 -28.40 -1.84 -1.17
N HIS A 191 -29.44 -1.11 -1.56
CA HIS A 191 -30.35 -1.59 -2.61
C HIS A 191 -30.88 -0.39 -3.39
N HIS A 192 -30.62 -0.35 -4.70
CA HIS A 192 -30.99 0.81 -5.50
C HIS A 192 -31.48 0.35 -6.87
N PRO A 193 -32.76 0.63 -7.18
CA PRO A 193 -33.25 0.35 -8.53
C PRO A 193 -32.51 1.17 -9.57
N ILE A 194 -32.16 0.54 -10.69
CA ILE A 194 -31.49 1.21 -11.79
C ILE A 194 -32.55 1.68 -12.78
N SER A 195 -33.65 0.93 -12.81
CA SER A 195 -34.77 1.18 -13.71
C SER A 195 -35.96 0.37 -13.20
N ASP A 196 -36.96 0.18 -14.04
CA ASP A 196 -38.14 -0.58 -13.64
C ASP A 196 -37.95 -2.08 -13.79
N HIS A 197 -36.74 -2.50 -14.17
CA HIS A 197 -36.45 -3.90 -14.38
C HIS A 197 -35.25 -4.38 -13.56
N GLU A 198 -34.39 -3.44 -13.17
CA GLU A 198 -33.12 -3.78 -12.52
C GLU A 198 -32.83 -2.97 -11.25
N ALA A 199 -32.08 -3.60 -10.35
CA ALA A 199 -31.65 -2.95 -9.12
C ALA A 199 -30.22 -3.34 -8.82
N THR A 200 -29.49 -2.45 -8.17
CA THR A 200 -28.16 -2.77 -7.65
C THR A 200 -28.25 -3.25 -6.20
N LEU A 201 -27.61 -4.38 -5.92
CA LEU A 201 -27.40 -4.86 -4.55
C LEU A 201 -25.91 -4.68 -4.26
N ARG A 202 -25.58 -3.94 -3.20
CA ARG A 202 -24.18 -3.70 -2.85
C ARG A 202 -23.88 -4.17 -1.43
N CYS A 203 -22.89 -5.05 -1.31
CA CYS A 203 -22.52 -5.71 -0.06
C CYS A 203 -21.30 -5.04 0.56
N TRP A 204 -21.43 -4.50 1.76
CA TRP A 204 -20.37 -3.71 2.37
C TRP A 204 -19.66 -4.41 3.53
N ALA A 205 -18.34 -4.26 3.57
CA ALA A 205 -17.52 -4.73 4.69
C ALA A 205 -16.70 -3.56 5.21
N LEU A 206 -16.90 -3.21 6.48
CA LEU A 206 -16.30 -2.02 7.07
C LEU A 206 -15.55 -2.31 8.37
N GLY A 207 -14.55 -1.49 8.66
CA GLY A 207 -13.82 -1.56 9.92
C GLY A 207 -13.06 -2.84 10.22
N PHE A 208 -12.58 -3.52 9.19
CA PHE A 208 -11.88 -4.79 9.44
C PHE A 208 -10.35 -4.68 9.41
N TYR A 209 -9.71 -5.66 10.06
CA TYR A 209 -8.26 -5.79 10.11
C TYR A 209 -7.93 -7.23 10.45
N PRO A 210 -6.97 -7.84 9.74
CA PRO A 210 -6.17 -7.32 8.64
C PRO A 210 -6.95 -7.08 7.34
N ALA A 211 -6.23 -6.71 6.29
CA ALA A 211 -6.87 -6.30 5.04
C ALA A 211 -7.40 -7.48 4.24
N GLU A 212 -6.79 -8.66 4.41
CA GLU A 212 -7.22 -9.83 3.67
C GLU A 212 -8.69 -10.12 3.97
N ILE A 213 -9.48 -10.20 2.91
CA ILE A 213 -10.91 -10.43 3.02
C ILE A 213 -11.40 -10.93 1.68
N THR A 214 -12.52 -11.65 1.69
CA THR A 214 -13.11 -12.12 0.45
C THR A 214 -14.60 -11.81 0.47
N LEU A 215 -15.07 -11.11 -0.55
CA LEU A 215 -16.50 -10.89 -0.74
C LEU A 215 -16.89 -11.60 -2.02
N THR A 216 -17.93 -12.41 -1.97
CA THR A 216 -18.38 -13.12 -3.18
C THR A 216 -19.90 -13.16 -3.28
N TRP A 217 -20.41 -12.94 -4.49
CA TRP A 217 -21.84 -13.05 -4.73
C TRP A 217 -22.25 -14.44 -5.18
N GLN A 218 -23.45 -14.86 -4.77
CA GLN A 218 -24.03 -16.10 -5.27
C GLN A 218 -25.48 -15.88 -5.70
N ARG A 219 -25.91 -16.65 -6.68
CA ARG A 219 -27.29 -16.64 -7.12
C ARG A 219 -27.75 -18.08 -7.05
N ASP A 220 -28.70 -18.36 -6.16
CA ASP A 220 -29.17 -19.72 -5.94
C ASP A 220 -28.00 -20.61 -5.54
N GLY A 221 -27.17 -20.10 -4.64
CA GLY A 221 -26.09 -20.86 -4.07
C GLY A 221 -24.88 -21.11 -4.95
N GLU A 222 -24.90 -20.58 -6.18
CA GLU A 222 -23.76 -20.74 -7.09
C GLU A 222 -23.06 -19.40 -7.32
N ASP A 223 -21.74 -19.45 -7.39
CA ASP A 223 -20.94 -18.24 -7.56
C ASP A 223 -21.30 -17.45 -8.81
N GLN A 224 -21.46 -16.14 -8.64
CA GLN A 224 -21.82 -15.23 -9.72
C GLN A 224 -20.69 -14.23 -9.95
N THR A 225 -20.04 -14.34 -11.10
CA THR A 225 -18.93 -13.46 -11.44
C THR A 225 -19.21 -12.85 -12.79
N GLN A 226 -20.23 -12.00 -12.82
CA GLN A 226 -20.91 -11.63 -14.06
C GLN A 226 -21.96 -10.61 -13.65
N ASP A 227 -21.84 -9.40 -14.19
CA ASP A 227 -22.64 -8.26 -13.75
C ASP A 227 -22.32 -7.87 -12.29
N THR A 228 -21.14 -8.26 -11.84
CA THR A 228 -20.65 -7.91 -10.51
C THR A 228 -19.54 -6.85 -10.59
N GLU A 229 -19.38 -6.08 -9.53
CA GLU A 229 -18.24 -5.15 -9.46
C GLU A 229 -17.55 -5.24 -8.09
N LEU A 230 -16.24 -5.51 -8.12
CA LEU A 230 -15.47 -5.58 -6.89
C LEU A 230 -14.52 -4.40 -6.85
N VAL A 231 -14.57 -3.61 -5.78
CA VAL A 231 -13.56 -2.57 -5.63
C VAL A 231 -12.37 -3.10 -4.84
N GLU A 232 -11.20 -2.57 -5.18
CA GLU A 232 -9.99 -2.79 -4.42
C GLU A 232 -10.24 -2.50 -2.94
N THR A 233 -9.72 -3.35 -2.07
CA THR A 233 -9.74 -3.08 -0.63
C THR A 233 -9.01 -1.78 -0.32
N ARG A 234 -9.60 -0.96 0.54
CA ARG A 234 -9.11 0.41 0.74
C ARG A 234 -9.01 0.79 2.22
N PRO A 235 -8.01 1.63 2.57
CA PRO A 235 -7.83 2.09 3.95
C PRO A 235 -8.88 3.10 4.38
N ALA A 236 -9.43 2.93 5.58
CA ALA A 236 -10.44 3.84 6.11
C ALA A 236 -9.77 5.08 6.68
N GLY A 237 -8.50 4.95 7.02
CA GLY A 237 -7.73 6.07 7.54
C GLY A 237 -7.50 6.00 9.03
N ASP A 238 -8.03 4.96 9.66
CA ASP A 238 -7.89 4.80 11.10
C ASP A 238 -7.28 3.44 11.47
N GLY A 239 -6.63 2.81 10.50
CA GLY A 239 -6.04 1.49 10.72
C GLY A 239 -6.85 0.32 10.19
N THR A 240 -8.13 0.53 9.94
CA THR A 240 -9.00 -0.52 9.41
C THR A 240 -9.19 -0.37 7.91
N PHE A 241 -9.84 -1.36 7.31
CA PHE A 241 -10.03 -1.38 5.85
C PHE A 241 -11.49 -1.51 5.45
N GLN A 242 -11.77 -1.20 4.18
CA GLN A 242 -13.11 -1.29 3.62
C GLN A 242 -13.08 -2.06 2.30
N LYS A 243 -14.19 -2.73 1.98
CA LYS A 243 -14.38 -3.28 0.65
C LYS A 243 -15.87 -3.40 0.40
N TRP A 244 -16.26 -3.36 -0.88
CA TRP A 244 -17.62 -3.69 -1.27
C TRP A 244 -17.67 -4.41 -2.59
N ALA A 245 -18.73 -5.20 -2.76
CA ALA A 245 -18.99 -5.92 -3.99
C ALA A 245 -20.45 -5.71 -4.37
N ALA A 246 -20.69 -5.34 -5.62
CA ALA A 246 -22.06 -5.06 -6.06
C ALA A 246 -22.48 -6.00 -7.18
N VAL A 247 -23.79 -6.17 -7.32
CA VAL A 247 -24.35 -6.95 -8.42
C VAL A 247 -25.62 -6.26 -8.93
N VAL A 248 -25.80 -6.28 -10.24
CA VAL A 248 -27.05 -5.81 -10.85
C VAL A 248 -27.99 -7.02 -10.98
N VAL A 249 -29.18 -6.91 -10.38
CA VAL A 249 -30.13 -8.02 -10.41
C VAL A 249 -31.46 -7.62 -11.05
N PRO A 250 -32.19 -8.61 -11.59
CA PRO A 250 -33.56 -8.37 -12.08
C PRO A 250 -34.49 -7.98 -10.92
N SER A 251 -35.38 -7.01 -11.13
CA SER A 251 -36.30 -6.59 -10.08
C SER A 251 -37.17 -7.75 -9.59
N GLY A 252 -37.28 -7.88 -8.27
CA GLY A 252 -38.13 -8.90 -7.68
C GLY A 252 -37.36 -10.18 -7.43
N GLU A 253 -36.13 -10.23 -7.94
CA GLU A 253 -35.30 -11.43 -7.79
C GLU A 253 -34.19 -11.31 -6.76
N GLU A 254 -34.15 -10.21 -5.99
CA GLU A 254 -33.03 -10.02 -5.05
C GLU A 254 -32.89 -11.10 -3.97
N GLN A 255 -33.96 -11.83 -3.69
CA GLN A 255 -33.92 -12.87 -2.67
C GLN A 255 -33.13 -14.12 -3.11
N ARG A 256 -32.83 -14.21 -4.41
CA ARG A 256 -32.03 -15.31 -4.94
C ARG A 256 -30.55 -15.11 -4.65
N TYR A 257 -30.17 -13.86 -4.39
CA TYR A 257 -28.77 -13.50 -4.24
C TYR A 257 -28.30 -13.45 -2.78
N THR A 258 -27.11 -13.97 -2.56
CA THR A 258 -26.47 -13.93 -1.25
C THR A 258 -25.05 -13.40 -1.40
N CYS A 259 -24.62 -12.56 -0.46
CA CYS A 259 -23.24 -12.13 -0.41
C CYS A 259 -22.54 -12.90 0.70
N HIS A 260 -21.36 -13.41 0.41
CA HIS A 260 -20.61 -14.17 1.40
C HIS A 260 -19.30 -13.47 1.74
N VAL A 261 -19.01 -13.37 3.04
CA VAL A 261 -17.89 -12.59 3.53
C VAL A 261 -16.93 -13.46 4.34
N GLN A 262 -15.71 -13.64 3.83
CA GLN A 262 -14.73 -14.41 4.57
C GLN A 262 -13.64 -13.51 5.15
N HIS A 263 -13.47 -13.60 6.46
CA HIS A 263 -12.45 -12.80 7.13
C HIS A 263 -11.92 -13.55 8.34
N GLU A 264 -10.65 -13.36 8.63
CA GLU A 264 -9.96 -14.03 9.72
C GLU A 264 -10.64 -13.75 11.06
N GLY A 265 -11.17 -12.54 11.21
CA GLY A 265 -11.80 -12.13 12.45
C GLY A 265 -13.18 -12.70 12.67
N LEU A 266 -13.70 -13.41 11.66
CA LEU A 266 -15.03 -14.01 11.78
C LEU A 266 -14.93 -15.42 12.31
N PRO A 267 -15.68 -15.74 13.36
CA PRO A 267 -15.77 -17.11 13.88
C PRO A 267 -16.18 -18.03 12.74
N LYS A 268 -17.14 -17.58 11.94
CA LYS A 268 -17.51 -18.27 10.71
C LYS A 268 -17.96 -17.28 9.63
N PRO A 269 -17.74 -17.60 8.35
CA PRO A 269 -18.09 -16.71 7.24
C PRO A 269 -19.57 -16.31 7.22
N LEU A 270 -19.83 -15.03 6.98
CA LEU A 270 -21.20 -14.52 6.95
C LEU A 270 -21.87 -14.73 5.60
N THR A 271 -23.19 -14.79 5.63
CA THR A 271 -24.02 -14.75 4.42
C THR A 271 -25.00 -13.59 4.56
N LEU A 272 -25.04 -12.70 3.57
CA LEU A 272 -25.98 -11.58 3.63
C LEU A 272 -27.05 -11.70 2.54
N ARG A 273 -28.29 -11.40 2.90
CA ARG A 273 -29.38 -11.45 1.93
C ARG A 273 -30.23 -10.19 2.12
N TRP A 274 -30.77 -9.64 1.04
CA TRP A 274 -31.58 -8.42 1.16
C TRP A 274 -32.98 -8.72 1.68
N MET B 1 9.34 3.30 -21.38
CA MET B 1 9.11 3.73 -20.02
C MET B 1 7.72 3.35 -19.53
N ILE B 2 7.66 2.61 -18.43
CA ILE B 2 6.39 2.17 -17.87
C ILE B 2 5.60 3.34 -17.29
N GLN B 3 4.38 3.52 -17.78
CA GLN B 3 3.47 4.50 -17.19
C GLN B 3 2.11 3.88 -16.97
N ARG B 4 1.58 4.04 -15.76
CA ARG B 4 0.29 3.47 -15.41
C ARG B 4 -0.63 4.50 -14.78
N THR B 5 -1.89 4.50 -15.23
CA THR B 5 -2.91 5.44 -14.76
C THR B 5 -3.46 5.07 -13.39
N PRO B 6 -3.53 6.05 -12.47
CA PRO B 6 -4.03 5.79 -11.12
C PRO B 6 -5.48 5.32 -11.12
N LYS B 7 -5.79 4.35 -10.25
CA LYS B 7 -7.18 4.03 -9.92
C LYS B 7 -7.58 5.00 -8.82
N ILE B 8 -8.85 5.40 -8.80
CA ILE B 8 -9.30 6.44 -7.87
C ILE B 8 -10.57 6.05 -7.14
N GLN B 9 -10.54 6.20 -5.80
CA GLN B 9 -11.73 5.96 -4.98
C GLN B 9 -11.95 7.09 -3.99
N VAL B 10 -13.12 7.72 -4.07
CA VAL B 10 -13.49 8.78 -3.15
C VAL B 10 -14.58 8.25 -2.24
N TYR B 11 -14.38 8.39 -0.93
CA TYR B 11 -15.26 7.79 0.05
C TYR B 11 -15.04 8.39 1.45
N SER B 12 -16.02 8.19 2.32
CA SER B 12 -15.90 8.63 3.71
C SER B 12 -15.41 7.47 4.57
N ARG B 13 -14.85 7.78 5.73
CA ARG B 13 -14.37 6.75 6.64
C ARG B 13 -15.55 5.96 7.22
N HIS B 14 -16.61 6.68 7.57
CA HIS B 14 -17.84 6.07 8.09
C HIS B 14 -18.99 6.45 7.15
N PRO B 15 -20.03 5.61 7.05
CA PRO B 15 -21.20 6.01 6.25
C PRO B 15 -21.66 7.40 6.66
N ALA B 16 -21.78 8.31 5.70
CA ALA B 16 -22.04 9.72 6.00
C ALA B 16 -23.38 9.98 6.69
N GLU B 17 -23.35 10.83 7.71
CA GLU B 17 -24.57 11.36 8.33
C GLU B 17 -24.46 12.86 8.44
N ASN B 18 -25.43 13.57 7.86
CA ASN B 18 -25.41 15.02 7.84
C ASN B 18 -25.31 15.62 9.23
N GLY B 19 -24.38 16.55 9.43
CA GLY B 19 -24.16 17.16 10.73
C GLY B 19 -23.20 16.38 11.61
N LYS B 20 -22.80 15.19 11.18
CA LYS B 20 -21.90 14.38 11.98
C LYS B 20 -20.48 14.33 11.42
N SER B 21 -19.50 14.52 12.30
CA SER B 21 -18.10 14.62 11.91
C SER B 21 -17.60 13.32 11.30
N ASN B 22 -16.72 13.44 10.32
CA ASN B 22 -16.33 12.28 9.51
C ASN B 22 -14.98 12.55 8.84
N PHE B 23 -14.55 11.63 7.97
CA PHE B 23 -13.33 11.84 7.21
C PHE B 23 -13.53 11.58 5.73
N LEU B 24 -13.08 12.52 4.90
CA LEU B 24 -13.16 12.39 3.45
C LEU B 24 -11.84 11.83 2.90
N ASN B 25 -11.92 10.69 2.22
CA ASN B 25 -10.73 10.02 1.71
C ASN B 25 -10.67 10.01 0.18
N CYS B 26 -9.48 10.25 -0.38
CA CYS B 26 -9.23 9.91 -1.77
C CYS B 26 -8.04 8.96 -1.86
N TYR B 27 -8.31 7.74 -2.28
CA TYR B 27 -7.30 6.71 -2.37
C TYR B 27 -6.88 6.53 -3.81
N VAL B 28 -5.62 6.86 -4.10
CA VAL B 28 -5.10 6.66 -5.44
C VAL B 28 -4.11 5.50 -5.42
N SER B 29 -4.20 4.62 -6.41
CA SER B 29 -3.38 3.41 -6.43
C SER B 29 -3.12 2.98 -7.85
N GLY B 30 -2.15 2.07 -8.02
CA GLY B 30 -1.90 1.47 -9.32
C GLY B 30 -1.23 2.38 -10.31
N PHE B 31 -0.65 3.47 -9.84
CA PHE B 31 -0.02 4.45 -10.73
C PHE B 31 1.50 4.40 -10.77
N HIS B 32 2.05 4.90 -11.88
CA HIS B 32 3.49 5.01 -12.05
C HIS B 32 3.73 6.00 -13.17
N PRO B 33 4.65 6.96 -12.96
CA PRO B 33 5.52 7.14 -11.79
C PRO B 33 4.82 7.73 -10.55
N SER B 34 5.60 8.02 -9.51
CA SER B 34 5.05 8.38 -8.22
C SER B 34 4.67 9.85 -8.13
N ASP B 35 5.23 10.64 -9.04
CA ASP B 35 4.90 12.06 -9.12
C ASP B 35 3.40 12.23 -9.39
N ILE B 36 2.68 12.75 -8.40
CA ILE B 36 1.24 12.91 -8.51
C ILE B 36 0.75 14.10 -7.66
N GLU B 37 -0.32 14.74 -8.12
CA GLU B 37 -0.94 15.83 -7.38
C GLU B 37 -2.42 15.47 -7.16
N VAL B 38 -2.83 15.47 -5.90
CA VAL B 38 -4.20 15.07 -5.53
C VAL B 38 -4.84 16.13 -4.64
N ASP B 39 -6.03 16.61 -5.03
CA ASP B 39 -6.75 17.59 -4.21
C ASP B 39 -8.17 17.15 -3.89
N LEU B 40 -8.66 17.57 -2.72
CA LEU B 40 -10.06 17.35 -2.36
C LEU B 40 -10.85 18.64 -2.58
N LEU B 41 -12.00 18.54 -3.25
CA LEU B 41 -12.77 19.74 -3.59
C LEU B 41 -14.11 19.81 -2.84
N LYS B 42 -14.39 20.98 -2.26
CA LYS B 42 -15.71 21.23 -1.68
C LYS B 42 -16.46 22.19 -2.59
N ASN B 43 -17.52 21.69 -3.24
CA ASN B 43 -18.29 22.47 -4.21
C ASN B 43 -17.40 23.10 -5.28
N GLY B 44 -16.46 22.32 -5.82
CA GLY B 44 -15.56 22.79 -6.85
C GLY B 44 -14.27 23.40 -6.34
N GLU B 45 -14.29 23.96 -5.13
CA GLU B 45 -13.13 24.69 -4.60
C GLU B 45 -12.20 23.79 -3.80
N ARG B 46 -10.90 24.07 -3.91
CA ARG B 46 -9.89 23.23 -3.27
C ARG B 46 -9.90 23.39 -1.75
N ILE B 47 -9.87 22.26 -1.06
CA ILE B 47 -9.77 22.26 0.40
C ILE B 47 -8.30 22.35 0.80
N GLU B 48 -7.94 23.38 1.54
CA GLU B 48 -6.58 23.47 2.06
C GLU B 48 -6.43 22.59 3.29
N LYS B 49 -5.19 22.34 3.69
CA LYS B 49 -4.92 21.45 4.82
C LYS B 49 -5.57 20.09 4.60
N VAL B 50 -4.94 19.34 3.70
CA VAL B 50 -5.31 17.97 3.39
C VAL B 50 -4.03 17.19 3.62
N GLU B 51 -4.14 16.04 4.28
CA GLU B 51 -2.96 15.22 4.56
C GLU B 51 -2.93 13.99 3.67
N HIS B 52 -1.75 13.38 3.59
CA HIS B 52 -1.62 12.14 2.84
C HIS B 52 -0.72 11.15 3.56
N SER B 53 -0.88 9.88 3.22
CA SER B 53 -0.05 8.83 3.78
C SER B 53 1.34 8.91 3.18
N ASP B 54 2.26 8.10 3.69
CA ASP B 54 3.61 8.04 3.16
C ASP B 54 3.64 7.13 1.95
N LEU B 55 4.30 7.61 0.88
CA LEU B 55 4.37 6.87 -0.38
C LEU B 55 4.82 5.42 -0.18
N SER B 56 4.03 4.51 -0.73
CA SER B 56 4.33 3.08 -0.68
C SER B 56 3.87 2.43 -1.97
N PHE B 57 4.13 1.13 -2.12
CA PHE B 57 3.79 0.45 -3.36
C PHE B 57 3.44 -1.04 -3.18
N SER B 58 2.70 -1.57 -4.16
CA SER B 58 2.24 -2.95 -4.13
C SER B 58 3.26 -3.90 -4.76
N LYS B 59 2.89 -5.17 -4.90
CA LYS B 59 3.77 -6.19 -5.47
C LYS B 59 4.13 -5.96 -6.93
N ASP B 60 3.24 -5.28 -7.67
CA ASP B 60 3.50 -4.99 -9.08
C ASP B 60 4.24 -3.68 -9.24
N TRP B 61 4.74 -3.16 -8.11
CA TRP B 61 5.56 -1.95 -8.05
C TRP B 61 4.78 -0.63 -8.22
N SER B 62 3.47 -0.72 -8.45
CA SER B 62 2.67 0.48 -8.62
C SER B 62 2.44 1.14 -7.27
N PHE B 63 2.44 2.47 -7.27
CA PHE B 63 2.34 3.26 -6.05
C PHE B 63 0.90 3.40 -5.57
N TYR B 64 0.74 3.66 -4.27
CA TYR B 64 -0.57 4.01 -3.72
C TYR B 64 -0.43 5.04 -2.60
N LEU B 65 -1.48 5.84 -2.45
CA LEU B 65 -1.44 6.99 -1.56
C LEU B 65 -2.86 7.24 -1.05
N LEU B 66 -2.99 7.62 0.22
CA LEU B 66 -4.29 8.02 0.73
C LEU B 66 -4.27 9.48 1.09
N TYR B 67 -5.12 10.27 0.44
CA TYR B 67 -5.32 11.67 0.81
C TYR B 67 -6.61 11.80 1.61
N TYR B 68 -6.58 12.60 2.66
CA TYR B 68 -7.72 12.68 3.57
C TYR B 68 -7.84 14.02 4.28
N THR B 69 -9.06 14.32 4.71
CA THR B 69 -9.31 15.46 5.59
C THR B 69 -10.57 15.22 6.42
N GLU B 70 -10.62 15.85 7.59
CA GLU B 70 -11.78 15.80 8.44
C GLU B 70 -12.86 16.73 7.85
N PHE B 71 -14.13 16.35 7.99
CA PHE B 71 -15.24 17.17 7.51
C PHE B 71 -16.59 16.74 8.10
N THR B 72 -17.57 17.63 8.05
CA THR B 72 -18.92 17.27 8.42
C THR B 72 -19.85 17.49 7.24
N PRO B 73 -20.33 16.40 6.64
CA PRO B 73 -21.16 16.50 5.43
C PRO B 73 -22.52 17.13 5.69
N THR B 74 -23.05 17.84 4.70
CA THR B 74 -24.40 18.40 4.77
C THR B 74 -25.17 17.98 3.52
N GLU B 75 -26.41 18.43 3.39
CA GLU B 75 -27.22 18.08 2.22
C GLU B 75 -26.71 18.75 0.95
N LYS B 76 -26.36 20.02 1.05
CA LYS B 76 -26.03 20.84 -0.13
C LYS B 76 -24.59 20.66 -0.65
N ASP B 77 -23.68 20.29 0.24
CA ASP B 77 -22.26 20.27 -0.11
C ASP B 77 -21.86 19.07 -0.99
N GLU B 78 -21.20 19.37 -2.11
CA GLU B 78 -20.68 18.35 -3.01
C GLU B 78 -19.16 18.20 -2.86
N TYR B 79 -18.68 16.96 -2.73
CA TYR B 79 -17.25 16.72 -2.62
C TYR B 79 -16.73 15.90 -3.80
N ALA B 80 -15.48 16.16 -4.16
CA ALA B 80 -14.84 15.47 -5.27
C ALA B 80 -13.34 15.36 -5.03
N CYS B 81 -12.71 14.43 -5.73
CA CYS B 81 -11.27 14.30 -5.70
C CYS B 81 -10.70 14.61 -7.09
N ARG B 82 -9.70 15.48 -7.14
CA ARG B 82 -9.07 15.82 -8.41
C ARG B 82 -7.64 15.30 -8.46
N VAL B 83 -7.41 14.35 -9.38
CA VAL B 83 -6.13 13.69 -9.49
C VAL B 83 -5.39 14.15 -10.75
N ASN B 84 -4.21 14.73 -10.56
CA ASN B 84 -3.38 15.20 -11.66
C ASN B 84 -2.11 14.36 -11.78
N HIS B 85 -1.90 13.76 -12.94
CA HIS B 85 -0.83 12.79 -13.13
C HIS B 85 -0.40 12.79 -14.60
N VAL B 86 0.86 12.50 -14.86
CA VAL B 86 1.41 12.58 -16.22
C VAL B 86 0.60 11.76 -17.23
N THR B 87 -0.07 10.75 -16.73
CA THR B 87 -0.80 9.81 -17.56
C THR B 87 -2.20 10.30 -17.94
N LEU B 88 -2.59 11.46 -17.42
CA LEU B 88 -3.94 11.98 -17.65
C LEU B 88 -3.87 13.32 -18.41
N SER B 89 -4.59 13.41 -19.54
CA SER B 89 -4.57 14.61 -20.39
C SER B 89 -5.13 15.83 -19.67
N GLN B 90 -6.17 15.59 -18.89
CA GLN B 90 -6.72 16.60 -17.99
C GLN B 90 -6.92 15.88 -16.66
N PRO B 91 -6.76 16.61 -15.55
CA PRO B 91 -6.96 15.99 -14.23
C PRO B 91 -8.31 15.27 -14.17
N LYS B 92 -8.34 14.10 -13.54
CA LYS B 92 -9.59 13.36 -13.45
C LYS B 92 -10.31 13.78 -12.17
N ILE B 93 -11.58 14.14 -12.30
CA ILE B 93 -12.37 14.56 -11.15
C ILE B 93 -13.46 13.53 -10.82
N VAL B 94 -13.32 12.83 -9.70
CA VAL B 94 -14.32 11.85 -9.29
C VAL B 94 -15.20 12.40 -8.17
N LYS B 95 -16.52 12.39 -8.39
CA LYS B 95 -17.42 12.91 -7.37
C LYS B 95 -17.61 11.91 -6.23
N TRP B 96 -17.68 12.42 -5.01
CA TRP B 96 -18.01 11.58 -3.87
C TRP B 96 -19.48 11.12 -3.94
N ASP B 97 -19.68 9.80 -3.94
CA ASP B 97 -21.01 9.20 -3.88
C ASP B 97 -21.10 8.48 -2.54
N ARG B 98 -22.09 8.86 -1.73
CA ARG B 98 -22.21 8.36 -0.36
C ARG B 98 -22.32 6.84 -0.24
N ASP B 99 -22.73 6.17 -1.32
CA ASP B 99 -22.86 4.71 -1.28
C ASP B 99 -21.86 3.99 -2.22
N MET B 100 -20.67 4.56 -2.36
CA MET B 100 -19.59 3.92 -3.10
C MET B 100 -18.25 4.10 -2.41
N THR C 1 13.57 -3.15 12.44
CA THR C 1 14.88 -2.57 12.18
C THR C 1 15.36 -2.86 10.75
N ILE C 2 15.93 -1.84 10.11
CA ILE C 2 16.33 -2.00 8.71
C ILE C 2 17.61 -2.81 8.54
N ALA C 3 17.72 -3.46 7.39
CA ALA C 3 18.90 -4.27 7.07
C ALA C 3 20.09 -3.41 6.69
N MET C 4 21.14 -3.47 7.46
CA MET C 4 22.39 -2.77 7.20
C MET C 4 23.10 -3.36 6.02
N GLU C 5 22.90 -4.61 5.79
CA GLU C 5 23.62 -5.33 4.74
C GLU C 5 23.28 -4.86 3.32
N LEU C 6 22.21 -4.13 3.14
CA LEU C 6 21.85 -3.61 1.81
C LEU C 6 22.67 -2.44 1.41
N ILE C 7 23.10 -1.67 2.40
CA ILE C 7 23.84 -0.43 2.19
C ILE C 7 25.05 -0.60 1.26
N ARG C 8 25.69 -1.76 1.30
CA ARG C 8 26.88 -1.99 0.48
C ARG C 8 26.63 -2.67 -0.86
N MET C 9 25.49 -3.35 -0.99
CA MET C 9 25.11 -4.01 -2.24
C MET C 9 24.90 -3.02 -3.39
N ILE C 10 25.95 -2.29 -3.79
CA ILE C 10 25.82 -1.38 -4.93
C ILE C 10 25.53 -2.18 -6.20
N LYS C 11 24.69 -1.60 -7.08
CA LYS C 11 24.25 -2.30 -8.28
C LYS C 11 25.22 -2.14 -9.44
#